data_1JCL
#
_entry.id   1JCL
#
_cell.length_a   48.54
_cell.length_b   41.95
_cell.length_c   144.98
_cell.angle_alpha   90
_cell.angle_beta   98.36
_cell.angle_gamma   90
#
_symmetry.space_group_name_H-M   'P 1 21 1'
#
loop_
_entity.id
_entity.type
_entity.pdbx_description
1 polymer 'DEOXYRIBOSE-PHOSPHATE ALDOLASE'
2 non-polymer 1-HYDROXY-PENTANE-3,4-DIOL-5-PHOSPHATE
3 water water
#
_entity_poly.entity_id   1
_entity_poly.type   'polypeptide(L)'
_entity_poly.pdbx_seq_one_letter_code
;HMTDLKASSLRALKLMDLTTLNDDDTDEKVIALCHQAKTPVGNTAAICIYPRFIPIARKTLKEQGTPEIRIATVTNFPHG
NDDIDIALAETRAAIAYGADEVDVVFPYRALMAGNEQVGFDLVKACKEACAAANVLLKVIIETGELKDEALIRKASEISI
KAGADFIKTSTGKVAVNATPESARIMMEVIRDMGVEKTVGFKPAGGVRTAEDAQKYLAIADELFGADWADARHYRFGASS
LLASLLKALGHGDGKSASSY
;
_entity_poly.pdbx_strand_id   A,B
#
# COMPACT_ATOMS: atom_id res chain seq x y z
N HIS A 1 -27.08 -37.00 -4.44
CA HIS A 1 -27.08 -37.14 -5.89
C HIS A 1 -26.25 -36.08 -6.60
N MET A 2 -25.25 -36.50 -7.37
CA MET A 2 -24.37 -35.56 -8.04
C MET A 2 -25.12 -34.96 -9.23
N THR A 3 -24.90 -33.70 -9.53
CA THR A 3 -25.40 -33.05 -10.70
C THR A 3 -24.30 -32.23 -11.35
N ASP A 4 -24.53 -31.85 -12.60
CA ASP A 4 -23.53 -31.04 -13.28
C ASP A 4 -23.27 -29.74 -12.52
N LEU A 5 -24.32 -29.11 -12.00
CA LEU A 5 -24.17 -27.82 -11.35
C LEU A 5 -23.41 -28.00 -10.04
N LYS A 6 -23.60 -28.98 -9.22
CA LYS A 6 -22.87 -29.27 -7.99
C LYS A 6 -21.43 -29.54 -8.38
N ALA A 7 -21.18 -30.34 -9.41
CA ALA A 7 -19.78 -30.64 -9.79
C ALA A 7 -19.08 -29.36 -10.17
N SER A 8 -19.71 -28.54 -11.00
CA SER A 8 -19.07 -27.29 -11.42
C SER A 8 -18.86 -26.34 -10.26
N SER A 9 -19.83 -26.27 -9.33
CA SER A 9 -19.76 -25.34 -8.23
C SER A 9 -18.62 -25.67 -7.26
N LEU A 10 -18.38 -26.94 -7.00
CA LEU A 10 -17.27 -27.28 -6.11
C LEU A 10 -15.95 -26.95 -6.78
N ARG A 11 -15.85 -27.21 -8.10
CA ARG A 11 -14.64 -26.86 -8.82
C ARG A 11 -14.43 -25.35 -8.77
N ALA A 12 -15.45 -24.58 -9.02
CA ALA A 12 -15.34 -23.13 -9.04
C ALA A 12 -14.92 -22.60 -7.68
N LEU A 13 -15.45 -23.16 -6.61
CA LEU A 13 -15.06 -22.76 -5.27
C LEU A 13 -13.57 -22.92 -5.07
N LYS A 14 -13.06 -24.08 -5.42
CA LYS A 14 -11.65 -24.40 -5.24
C LYS A 14 -10.74 -23.62 -6.15
N LEU A 15 -11.30 -22.99 -7.20
CA LEU A 15 -10.54 -22.18 -8.12
C LEU A 15 -10.74 -20.69 -7.82
N MET A 16 -11.43 -20.32 -6.77
CA MET A 16 -11.73 -18.91 -6.58
C MET A 16 -10.58 -18.12 -6.02
N ASP A 17 -10.39 -16.91 -6.56
CA ASP A 17 -9.65 -15.82 -5.93
C ASP A 17 -10.73 -14.94 -5.25
N LEU A 18 -10.99 -15.25 -3.98
CA LEU A 18 -12.04 -14.57 -3.21
C LEU A 18 -11.59 -13.15 -2.93
N THR A 19 -12.35 -12.19 -3.39
CA THR A 19 -11.82 -10.80 -3.52
C THR A 19 -12.57 -9.78 -2.68
N THR A 20 -11.84 -8.81 -2.18
CA THR A 20 -12.42 -7.54 -1.73
C THR A 20 -11.45 -6.45 -2.18
N LEU A 21 -11.97 -5.51 -2.99
CA LEU A 21 -11.20 -4.39 -3.52
C LEU A 21 -12.10 -3.16 -3.51
N ASN A 22 -12.28 -2.60 -2.31
CA ASN A 22 -13.14 -1.44 -2.12
C ASN A 22 -12.36 -0.35 -1.39
N ASP A 23 -12.81 0.87 -1.72
CA ASP A 23 -12.27 2.05 -1.05
C ASP A 23 -12.45 2.04 0.47
N ASP A 24 -13.55 1.42 0.92
CA ASP A 24 -13.81 1.38 2.35
C ASP A 24 -13.26 0.14 3.02
N ASP A 25 -12.40 -0.62 2.34
CA ASP A 25 -11.91 -1.80 2.99
C ASP A 25 -11.13 -1.46 4.24
N THR A 26 -11.20 -2.40 5.18
CA THR A 26 -10.52 -2.30 6.47
C THR A 26 -9.89 -3.64 6.81
N ASP A 27 -9.04 -3.64 7.83
CA ASP A 27 -8.50 -4.89 8.36
C ASP A 27 -9.65 -5.83 8.73
N GLU A 28 -10.67 -5.31 9.35
CA GLU A 28 -11.79 -6.16 9.82
C GLU A 28 -12.44 -6.87 8.63
N LYS A 29 -12.65 -6.13 7.54
CA LYS A 29 -13.26 -6.73 6.35
C LYS A 29 -12.34 -7.78 5.73
N VAL A 30 -11.04 -7.54 5.72
CA VAL A 30 -10.11 -8.51 5.17
C VAL A 30 -10.05 -9.77 6.05
N ILE A 31 -10.02 -9.60 7.35
CA ILE A 31 -10.05 -10.75 8.27
C ILE A 31 -11.30 -11.58 8.01
N ALA A 32 -12.45 -10.95 7.90
CA ALA A 32 -13.69 -11.69 7.61
C ALA A 32 -13.60 -12.47 6.32
N LEU A 33 -12.98 -11.82 5.27
CA LEU A 33 -12.81 -12.46 3.96
C LEU A 33 -11.96 -13.70 4.12
N CYS A 34 -10.88 -13.64 4.88
CA CYS A 34 -10.03 -14.80 5.09
C CYS A 34 -10.81 -15.93 5.73
N HIS A 35 -11.66 -15.61 6.71
CA HIS A 35 -12.47 -16.64 7.33
C HIS A 35 -13.43 -17.26 6.32
N GLN A 36 -14.01 -16.46 5.45
CA GLN A 36 -14.94 -16.89 4.42
C GLN A 36 -14.30 -17.85 3.43
N ALA A 37 -12.99 -17.68 3.20
CA ALA A 37 -12.27 -18.52 2.24
C ALA A 37 -12.10 -19.96 2.70
N LYS A 38 -12.24 -20.20 4.02
CA LYS A 38 -12.17 -21.49 4.64
C LYS A 38 -13.60 -22.03 4.81
N THR A 39 -14.05 -22.82 3.84
CA THR A 39 -15.45 -23.23 3.77
C THR A 39 -15.62 -24.68 4.24
N PRO A 40 -16.84 -25.10 4.54
CA PRO A 40 -17.06 -26.49 5.00
C PRO A 40 -16.72 -27.54 3.98
N VAL A 41 -16.60 -27.27 2.71
CA VAL A 41 -16.26 -28.14 1.63
C VAL A 41 -14.88 -27.94 1.09
N GLY A 42 -14.08 -27.05 1.67
CA GLY A 42 -12.75 -26.81 1.16
C GLY A 42 -12.41 -25.34 1.16
N ASN A 43 -11.17 -25.05 0.77
CA ASN A 43 -10.70 -23.68 0.71
C ASN A 43 -10.73 -23.13 -0.70
N THR A 44 -10.92 -21.82 -0.83
CA THR A 44 -10.71 -21.19 -2.11
C THR A 44 -9.22 -21.29 -2.45
N ALA A 45 -8.90 -21.05 -3.73
CA ALA A 45 -7.52 -21.08 -4.16
C ALA A 45 -6.71 -19.94 -3.53
N ALA A 46 -7.33 -18.80 -3.41
CA ALA A 46 -6.65 -17.57 -3.03
C ALA A 46 -7.66 -16.62 -2.47
N ILE A 47 -7.11 -15.52 -1.93
CA ILE A 47 -7.83 -14.29 -1.73
C ILE A 47 -7.15 -13.23 -2.61
N CYS A 48 -7.88 -12.14 -2.86
CA CYS A 48 -7.33 -11.00 -3.62
C CYS A 48 -7.80 -9.74 -2.90
N ILE A 49 -6.79 -8.97 -2.45
CA ILE A 49 -6.97 -7.79 -1.61
C ILE A 49 -6.02 -6.71 -2.03
N TYR A 50 -6.20 -5.46 -1.62
CA TYR A 50 -5.22 -4.42 -1.88
C TYR A 50 -3.91 -4.71 -1.13
N PRO A 51 -2.78 -4.25 -1.66
CA PRO A 51 -1.48 -4.67 -1.10
C PRO A 51 -1.31 -4.39 0.37
N ARG A 52 -1.81 -3.26 0.87
CA ARG A 52 -1.63 -2.92 2.26
C ARG A 52 -2.21 -3.91 3.22
N PHE A 53 -3.17 -4.72 2.79
CA PHE A 53 -3.81 -5.70 3.65
C PHE A 53 -3.12 -7.05 3.61
N ILE A 54 -2.05 -7.23 2.84
CA ILE A 54 -1.39 -8.55 2.74
C ILE A 54 -0.87 -9.02 4.10
N PRO A 55 -0.16 -8.21 4.87
CA PRO A 55 0.41 -8.77 6.13
C PRO A 55 -0.67 -9.27 7.07
N ILE A 56 -1.75 -8.52 7.27
CA ILE A 56 -2.78 -8.96 8.20
C ILE A 56 -3.51 -10.17 7.64
N ALA A 57 -3.70 -10.24 6.32
CA ALA A 57 -4.29 -11.43 5.72
C ALA A 57 -3.41 -12.65 5.92
N ARG A 58 -2.13 -12.53 5.74
CA ARG A 58 -1.22 -13.68 5.94
C ARG A 58 -1.32 -14.18 7.36
N LYS A 59 -1.33 -13.29 8.33
CA LYS A 59 -1.44 -13.66 9.73
C LYS A 59 -2.73 -14.43 9.98
N THR A 60 -3.81 -13.91 9.42
CA THR A 60 -5.14 -14.50 9.64
C THR A 60 -5.26 -15.89 9.04
N LEU A 61 -4.79 -16.02 7.80
CA LEU A 61 -4.79 -17.31 7.14
C LEU A 61 -3.96 -18.34 7.90
N LYS A 62 -2.83 -17.88 8.45
CA LYS A 62 -1.99 -18.80 9.24
C LYS A 62 -2.68 -19.22 10.51
N GLU A 63 -3.33 -18.28 11.20
CA GLU A 63 -3.90 -18.60 12.50
C GLU A 63 -5.07 -19.52 12.36
N GLN A 64 -5.78 -19.49 11.23
CA GLN A 64 -6.92 -20.41 11.04
C GLN A 64 -6.49 -21.71 10.37
N GLY A 65 -5.19 -21.91 10.21
CA GLY A 65 -4.74 -23.21 9.71
C GLY A 65 -4.92 -23.40 8.21
N THR A 66 -4.94 -22.31 7.46
CA THR A 66 -4.98 -22.41 5.97
C THR A 66 -3.88 -21.61 5.32
N PRO A 67 -2.65 -21.92 5.63
CA PRO A 67 -1.53 -21.14 5.07
C PRO A 67 -1.38 -21.39 3.57
N GLU A 68 -2.02 -22.42 3.02
CA GLU A 68 -1.93 -22.71 1.59
C GLU A 68 -2.87 -21.88 0.74
N ILE A 69 -3.78 -21.14 1.32
CA ILE A 69 -4.59 -20.19 0.53
C ILE A 69 -3.64 -19.08 0.14
N ARG A 70 -3.54 -18.86 -1.16
CA ARG A 70 -2.59 -17.90 -1.72
C ARG A 70 -3.14 -16.49 -1.54
N ILE A 71 -2.22 -15.52 -1.51
CA ILE A 71 -2.58 -14.13 -1.43
C ILE A 71 -2.22 -13.43 -2.72
N ALA A 72 -3.25 -13.03 -3.45
CA ALA A 72 -3.13 -12.24 -4.67
C ALA A 72 -3.45 -10.80 -4.32
N THR A 73 -2.92 -9.90 -5.17
CA THR A 73 -3.19 -8.48 -5.04
C THR A 73 -3.21 -7.87 -6.42
N VAL A 74 -3.43 -6.57 -6.49
CA VAL A 74 -3.57 -5.85 -7.76
C VAL A 74 -2.60 -4.68 -7.79
N THR A 75 -2.09 -4.40 -8.99
CA THR A 75 -1.25 -3.25 -9.25
C THR A 75 -1.62 -2.61 -10.60
N ASN A 76 -1.20 -1.35 -10.75
CA ASN A 76 -1.61 -0.54 -11.89
C ASN A 76 -3.13 -0.44 -11.99
N PHE A 77 -3.81 -0.45 -10.85
CA PHE A 77 -5.21 -0.80 -10.78
C PHE A 77 -6.05 0.34 -10.23
N PRO A 78 -7.29 0.53 -10.76
CA PRO A 78 -7.87 -0.21 -11.88
C PRO A 78 -7.60 0.41 -13.22
N HIS A 79 -6.91 1.57 -13.26
CA HIS A 79 -6.90 2.36 -14.48
C HIS A 79 -6.05 1.83 -15.61
N GLY A 80 -5.05 0.99 -15.37
CA GLY A 80 -4.24 0.54 -16.50
C GLY A 80 -3.48 1.67 -17.17
N ASN A 81 -2.94 2.59 -16.39
CA ASN A 81 -2.12 3.64 -16.99
C ASN A 81 -0.85 3.07 -17.60
N ASP A 82 -0.21 3.91 -18.43
CA ASP A 82 0.95 3.48 -19.22
C ASP A 82 2.29 3.96 -18.65
N ASP A 83 2.30 4.24 -17.34
CA ASP A 83 3.57 4.60 -16.66
C ASP A 83 4.21 3.36 -16.09
N ILE A 84 5.23 2.86 -16.77
CA ILE A 84 5.87 1.63 -16.34
C ILE A 84 6.54 1.76 -14.99
N ASP A 85 7.19 2.90 -14.74
CA ASP A 85 7.85 3.07 -13.46
C ASP A 85 6.85 2.96 -12.29
N ILE A 86 5.65 3.51 -12.41
CA ILE A 86 4.66 3.40 -11.35
C ILE A 86 4.15 1.99 -11.22
N ALA A 87 3.84 1.33 -12.31
CA ALA A 87 3.36 -0.05 -12.21
C ALA A 87 4.40 -0.94 -11.59
N LEU A 88 5.66 -0.77 -11.98
CA LEU A 88 6.72 -1.56 -11.42
C LEU A 88 6.94 -1.29 -9.94
N ALA A 89 6.92 -0.03 -9.53
CA ALA A 89 7.05 0.31 -8.12
C ALA A 89 5.95 -0.36 -7.27
N GLU A 90 4.72 -0.29 -7.77
CA GLU A 90 3.62 -0.93 -7.07
C GLU A 90 3.82 -2.43 -6.99
N THR A 91 4.27 -3.01 -8.06
CA THR A 91 4.53 -4.48 -8.09
C THR A 91 5.62 -4.84 -7.10
N ARG A 92 6.71 -4.07 -7.08
CA ARG A 92 7.78 -4.33 -6.13
C ARG A 92 7.27 -4.19 -4.71
N ALA A 93 6.39 -3.21 -4.44
CA ALA A 93 5.82 -3.08 -3.10
C ALA A 93 4.95 -4.25 -2.78
N ALA A 94 4.13 -4.74 -3.73
CA ALA A 94 3.28 -5.90 -3.47
C ALA A 94 4.11 -7.12 -3.09
N ILE A 95 5.22 -7.31 -3.81
CA ILE A 95 6.15 -8.37 -3.50
C ILE A 95 6.71 -8.22 -2.07
N ALA A 96 7.12 -7.00 -1.73
CA ALA A 96 7.70 -6.74 -0.39
C ALA A 96 6.68 -6.93 0.72
N TYR A 97 5.41 -6.61 0.52
CA TYR A 97 4.40 -6.86 1.51
C TYR A 97 4.22 -8.36 1.75
N GLY A 98 4.51 -9.18 0.74
CA GLY A 98 4.40 -10.62 0.85
C GLY A 98 3.45 -11.27 -0.13
N ALA A 99 3.04 -10.60 -1.21
CA ALA A 99 2.12 -11.23 -2.13
C ALA A 99 2.66 -12.54 -2.69
N ASP A 100 1.77 -13.49 -2.91
CA ASP A 100 2.08 -14.68 -3.69
C ASP A 100 1.86 -14.46 -5.18
N GLU A 101 0.93 -13.59 -5.52
CA GLU A 101 0.50 -13.35 -6.91
C GLU A 101 0.18 -11.87 -7.03
N VAL A 102 0.46 -11.31 -8.22
CA VAL A 102 0.11 -9.95 -8.56
C VAL A 102 -0.70 -9.98 -9.83
N ASP A 103 -1.85 -9.32 -9.81
CA ASP A 103 -2.72 -9.12 -10.94
C ASP A 103 -2.56 -7.65 -11.38
N VAL A 104 -1.82 -7.42 -12.48
CA VAL A 104 -1.49 -6.09 -12.96
C VAL A 104 -2.42 -5.72 -14.10
N VAL A 105 -2.83 -4.48 -14.19
CA VAL A 105 -3.67 -4.03 -15.30
C VAL A 105 -2.79 -3.61 -16.47
N PHE A 106 -3.05 -4.25 -17.62
CA PHE A 106 -2.43 -3.91 -18.89
C PHE A 106 -2.78 -2.50 -19.31
N PRO A 107 -1.87 -1.79 -20.02
CA PRO A 107 -2.17 -0.43 -20.50
C PRO A 107 -3.02 -0.48 -21.77
N TYR A 108 -4.31 -0.78 -21.52
CA TYR A 108 -5.22 -1.05 -22.61
C TYR A 108 -5.56 0.21 -23.39
N ARG A 109 -5.64 1.37 -22.76
CA ARG A 109 -5.92 2.58 -23.53
C ARG A 109 -4.76 2.86 -24.47
N ALA A 110 -3.54 2.61 -24.03
CA ALA A 110 -2.39 2.83 -24.90
C ALA A 110 -2.47 1.93 -26.13
N LEU A 111 -2.85 0.68 -25.94
CA LEU A 111 -3.04 -0.24 -27.08
C LEU A 111 -4.13 0.25 -28.02
N MET A 112 -5.25 0.73 -27.46
CA MET A 112 -6.34 1.27 -28.29
C MET A 112 -5.87 2.45 -29.09
N ALA A 113 -4.90 3.21 -28.60
CA ALA A 113 -4.33 4.34 -29.31
C ALA A 113 -3.14 3.92 -30.17
N GLY A 114 -2.93 2.62 -30.38
CA GLY A 114 -1.95 2.14 -31.32
C GLY A 114 -0.58 1.80 -30.78
N ASN A 115 -0.39 1.87 -29.47
CA ASN A 115 0.90 1.58 -28.88
C ASN A 115 0.89 0.16 -28.29
N GLU A 116 1.44 -0.78 -29.00
CA GLU A 116 1.62 -2.14 -28.55
C GLU A 116 2.85 -2.34 -27.69
N GLN A 117 3.87 -1.49 -27.85
CA GLN A 117 5.16 -1.71 -27.18
C GLN A 117 5.04 -1.46 -25.71
N VAL A 118 4.29 -0.44 -25.30
CA VAL A 118 4.27 -0.09 -23.87
C VAL A 118 3.64 -1.25 -23.08
N GLY A 119 2.62 -1.92 -23.61
CA GLY A 119 2.06 -3.03 -22.87
C GLY A 119 3.07 -4.18 -22.73
N PHE A 120 3.83 -4.45 -23.79
CA PHE A 120 4.87 -5.47 -23.71
C PHE A 120 5.86 -5.09 -22.60
N ASP A 121 6.33 -3.84 -22.68
CA ASP A 121 7.39 -3.43 -21.74
C ASP A 121 6.87 -3.40 -20.30
N LEU A 122 5.63 -2.97 -20.10
CA LEU A 122 5.07 -2.90 -18.76
C LEU A 122 4.94 -4.32 -18.18
N VAL A 123 4.32 -5.23 -18.92
CA VAL A 123 4.17 -6.60 -18.42
C VAL A 123 5.51 -7.26 -18.20
N LYS A 124 6.48 -7.06 -19.10
CA LYS A 124 7.78 -7.71 -18.98
C LYS A 124 8.47 -7.20 -17.74
N ALA A 125 8.43 -5.89 -17.46
CA ALA A 125 9.10 -5.38 -16.26
C ALA A 125 8.53 -5.99 -15.01
N CYS A 126 7.17 -6.06 -14.94
CA CYS A 126 6.52 -6.63 -13.78
C CYS A 126 6.77 -8.11 -13.68
N LYS A 127 6.79 -8.83 -14.78
CA LYS A 127 7.11 -10.27 -14.77
C LYS A 127 8.51 -10.51 -14.23
N GLU A 128 9.47 -9.67 -14.63
CA GLU A 128 10.85 -9.89 -14.17
C GLU A 128 10.94 -9.81 -12.68
N ALA A 129 10.27 -8.81 -12.10
CA ALA A 129 10.28 -8.63 -10.65
C ALA A 129 9.59 -9.81 -9.97
N CYS A 130 8.42 -10.17 -10.50
CA CYS A 130 7.68 -11.29 -9.88
C CYS A 130 8.42 -12.59 -9.96
N ALA A 131 8.98 -12.92 -11.16
CA ALA A 131 9.68 -14.18 -11.32
C ALA A 131 10.84 -14.29 -10.36
N ALA A 132 11.54 -13.17 -10.12
CA ALA A 132 12.70 -13.21 -9.22
C ALA A 132 12.31 -13.53 -7.82
N ALA A 133 11.07 -13.22 -7.47
CA ALA A 133 10.52 -13.43 -6.13
C ALA A 133 9.62 -14.65 -6.02
N ASN A 134 9.55 -15.47 -7.05
CA ASN A 134 8.66 -16.64 -7.07
C ASN A 134 7.21 -16.24 -6.87
N VAL A 135 6.81 -15.16 -7.52
CA VAL A 135 5.46 -14.60 -7.48
C VAL A 135 4.83 -14.78 -8.87
N LEU A 136 3.62 -15.28 -8.97
CA LEU A 136 2.89 -15.38 -10.24
C LEU A 136 2.34 -14.02 -10.67
N LEU A 137 2.37 -13.78 -11.96
CA LEU A 137 1.84 -12.55 -12.53
C LEU A 137 0.63 -12.83 -13.39
N LYS A 138 -0.52 -12.26 -13.05
CA LYS A 138 -1.67 -12.25 -13.91
C LYS A 138 -1.80 -10.89 -14.56
N VAL A 139 -2.28 -10.85 -15.82
CA VAL A 139 -2.43 -9.59 -16.52
C VAL A 139 -3.91 -9.38 -16.87
N ILE A 140 -4.46 -8.28 -16.39
CA ILE A 140 -5.83 -7.87 -16.64
C ILE A 140 -5.90 -7.04 -17.89
N ILE A 141 -6.59 -7.49 -18.92
CA ILE A 141 -6.57 -6.74 -20.18
C ILE A 141 -7.75 -5.78 -20.35
N GLU A 142 -8.81 -5.93 -19.53
CA GLU A 142 -9.99 -5.08 -19.57
C GLU A 142 -10.74 -5.21 -20.87
N THR A 143 -11.25 -6.43 -21.09
CA THR A 143 -12.01 -6.75 -22.30
C THR A 143 -13.18 -5.84 -22.54
N GLY A 144 -13.84 -5.39 -21.49
CA GLY A 144 -15.01 -4.54 -21.64
C GLY A 144 -14.71 -3.16 -22.18
N GLU A 145 -13.48 -2.72 -22.00
CA GLU A 145 -13.03 -1.47 -22.59
C GLU A 145 -12.41 -1.65 -23.96
N LEU A 146 -11.65 -2.72 -24.14
CA LEU A 146 -11.07 -3.02 -25.44
C LEU A 146 -12.15 -3.24 -26.49
N LYS A 147 -13.14 -4.04 -26.15
CA LYS A 147 -14.36 -4.34 -26.86
C LYS A 147 -14.17 -5.19 -28.12
N ASP A 148 -13.33 -4.76 -29.03
CA ASP A 148 -13.16 -5.44 -30.30
C ASP A 148 -12.40 -6.73 -30.13
N GLU A 149 -12.82 -7.77 -30.81
CA GLU A 149 -12.14 -9.07 -30.74
C GLU A 149 -10.69 -8.93 -31.09
N ALA A 150 -10.31 -8.18 -32.13
CA ALA A 150 -8.92 -8.09 -32.49
C ALA A 150 -8.07 -7.49 -31.39
N LEU A 151 -8.59 -6.48 -30.68
CA LEU A 151 -7.88 -5.86 -29.60
C LEU A 151 -7.76 -6.79 -28.40
N ILE A 152 -8.85 -7.54 -28.11
CA ILE A 152 -8.76 -8.54 -27.04
C ILE A 152 -7.69 -9.55 -27.34
N ARG A 153 -7.65 -10.05 -28.57
CA ARG A 153 -6.65 -11.00 -28.96
C ARG A 153 -5.23 -10.40 -28.85
N LYS A 154 -5.06 -9.18 -29.34
CA LYS A 154 -3.73 -8.57 -29.34
C LYS A 154 -3.24 -8.30 -27.94
N ALA A 155 -4.12 -7.79 -27.03
CA ALA A 155 -3.67 -7.58 -25.67
C ALA A 155 -3.28 -8.87 -25.02
N SER A 156 -4.02 -9.92 -25.25
CA SER A 156 -3.73 -11.26 -24.73
C SER A 156 -2.39 -11.75 -25.25
N GLU A 157 -2.18 -11.61 -26.56
CA GLU A 157 -0.95 -12.04 -27.18
C GLU A 157 0.27 -11.31 -26.65
N ILE A 158 0.17 -9.97 -26.58
CA ILE A 158 1.30 -9.19 -26.06
C ILE A 158 1.62 -9.59 -24.64
N SER A 159 0.57 -9.75 -23.83
CA SER A 159 0.76 -10.14 -22.42
C SER A 159 1.47 -11.48 -22.29
N ILE A 160 1.03 -12.45 -23.10
CA ILE A 160 1.67 -13.77 -23.08
C ILE A 160 3.13 -13.70 -23.52
N LYS A 161 3.39 -12.95 -24.60
CA LYS A 161 4.75 -12.80 -25.09
C LYS A 161 5.67 -12.19 -24.04
N ALA A 162 5.11 -11.25 -23.27
CA ALA A 162 5.86 -10.55 -22.22
C ALA A 162 6.01 -11.38 -20.95
N GLY A 163 5.36 -12.51 -20.84
CA GLY A 163 5.56 -13.41 -19.73
C GLY A 163 4.40 -13.58 -18.80
N ALA A 164 3.20 -13.15 -19.11
CA ALA A 164 2.05 -13.35 -18.24
C ALA A 164 1.91 -14.82 -17.88
N ASP A 165 1.66 -15.10 -16.59
CA ASP A 165 1.35 -16.46 -16.13
C ASP A 165 -0.13 -16.77 -16.21
N PHE A 166 -0.98 -15.73 -16.21
CA PHE A 166 -2.42 -15.78 -16.41
C PHE A 166 -2.80 -14.55 -17.20
N ILE A 167 -3.88 -14.69 -17.97
CA ILE A 167 -4.59 -13.55 -18.55
C ILE A 167 -5.98 -13.53 -17.94
N LYS A 168 -6.37 -12.31 -17.51
CA LYS A 168 -7.60 -12.06 -16.74
C LYS A 168 -8.44 -11.06 -17.52
N THR A 169 -9.77 -11.29 -17.53
CA THR A 169 -10.61 -10.46 -18.39
C THR A 169 -10.66 -9.00 -17.98
N SER A 170 -10.81 -8.74 -16.70
CA SER A 170 -11.42 -7.48 -16.28
C SER A 170 -11.02 -7.10 -14.86
N THR A 171 -11.14 -5.79 -14.57
CA THR A 171 -10.94 -5.30 -13.23
C THR A 171 -12.13 -5.45 -12.31
N GLY A 172 -13.32 -5.60 -12.87
CA GLY A 172 -14.56 -5.51 -12.10
C GLY A 172 -14.99 -4.12 -11.81
N LYS A 173 -14.35 -3.12 -12.27
CA LYS A 173 -14.46 -1.69 -11.96
C LYS A 173 -14.90 -0.86 -13.16
N VAL A 174 -15.23 -1.44 -14.27
CA VAL A 174 -15.82 -0.82 -15.43
C VAL A 174 -17.18 -1.42 -15.72
N ALA A 175 -17.90 -0.85 -16.71
CA ALA A 175 -19.29 -1.25 -16.91
C ALA A 175 -19.43 -2.69 -17.40
N VAL A 176 -18.56 -3.17 -18.24
CA VAL A 176 -18.63 -4.52 -18.83
C VAL A 176 -17.38 -5.28 -18.40
N ASN A 177 -17.59 -6.45 -17.80
CA ASN A 177 -16.48 -7.25 -17.32
C ASN A 177 -16.53 -8.61 -18.02
N ALA A 178 -16.42 -9.70 -17.30
CA ALA A 178 -16.34 -10.99 -17.97
C ALA A 178 -17.61 -11.26 -18.77
N THR A 179 -17.44 -11.83 -19.96
CA THR A 179 -18.51 -12.41 -20.73
C THR A 179 -18.06 -13.76 -21.26
N PRO A 180 -18.97 -14.67 -21.56
CA PRO A 180 -18.54 -15.95 -22.17
C PRO A 180 -17.79 -15.73 -23.47
N GLU A 181 -18.22 -14.82 -24.32
CA GLU A 181 -17.50 -14.55 -25.55
C GLU A 181 -16.09 -14.08 -25.31
N SER A 182 -15.84 -13.16 -24.42
CA SER A 182 -14.55 -12.66 -24.09
C SER A 182 -13.67 -13.78 -23.56
N ALA A 183 -14.24 -14.64 -22.72
CA ALA A 183 -13.52 -15.80 -22.22
C ALA A 183 -13.12 -16.72 -23.36
N ARG A 184 -14.00 -17.02 -24.26
CA ARG A 184 -13.67 -17.86 -25.41
C ARG A 184 -12.57 -17.24 -26.22
N ILE A 185 -12.65 -15.95 -26.51
CA ILE A 185 -11.59 -15.31 -27.31
C ILE A 185 -10.23 -15.45 -26.65
N MET A 186 -10.17 -15.13 -25.34
CA MET A 186 -8.90 -15.18 -24.63
C MET A 186 -8.33 -16.59 -24.55
N MET A 187 -9.20 -17.56 -24.27
CA MET A 187 -8.76 -18.95 -24.25
C MET A 187 -8.31 -19.42 -25.63
N GLU A 188 -8.93 -18.93 -26.70
CA GLU A 188 -8.50 -19.25 -28.05
C GLU A 188 -7.09 -18.69 -28.28
N VAL A 189 -6.71 -17.56 -27.70
CA VAL A 189 -5.35 -17.11 -27.83
C VAL A 189 -4.35 -18.05 -27.19
N ILE A 190 -4.69 -18.50 -25.96
CA ILE A 190 -3.87 -19.51 -25.31
C ILE A 190 -3.67 -20.72 -26.20
N ARG A 191 -4.79 -21.20 -26.79
CA ARG A 191 -4.76 -22.31 -27.72
C ARG A 191 -3.87 -22.00 -28.92
N ASP A 192 -4.08 -20.86 -29.55
CA ASP A 192 -3.39 -20.50 -30.81
C ASP A 192 -1.88 -20.33 -30.65
N MET A 193 -1.49 -19.90 -29.45
CA MET A 193 -0.07 -19.74 -29.13
C MET A 193 0.54 -21.01 -28.56
N GLY A 194 -0.29 -22.05 -28.33
CA GLY A 194 0.18 -23.28 -27.79
C GLY A 194 0.76 -23.19 -26.38
N VAL A 195 0.21 -22.27 -25.57
CA VAL A 195 0.75 -22.00 -24.23
C VAL A 195 -0.16 -22.53 -23.14
N GLU A 196 -0.96 -23.58 -23.41
CA GLU A 196 -1.80 -24.18 -22.41
C GLU A 196 -1.06 -24.56 -21.14
N LYS A 197 0.22 -24.97 -21.26
CA LYS A 197 0.95 -25.40 -20.09
C LYS A 197 1.32 -24.26 -19.16
N THR A 198 1.58 -23.11 -19.74
CA THR A 198 2.23 -22.01 -18.99
C THR A 198 1.34 -20.81 -18.72
N VAL A 199 0.18 -20.72 -19.30
CA VAL A 199 -0.70 -19.58 -19.16
C VAL A 199 -2.09 -20.04 -18.73
N GLY A 200 -2.56 -19.52 -17.58
CA GLY A 200 -3.91 -19.75 -17.15
C GLY A 200 -4.85 -18.63 -17.55
N PHE A 201 -6.16 -18.87 -17.31
CA PHE A 201 -7.22 -17.94 -17.60
C PHE A 201 -8.03 -17.63 -16.36
N LYS A 202 -8.40 -16.35 -16.21
CA LYS A 202 -9.19 -15.89 -15.05
C LYS A 202 -10.29 -14.98 -15.53
N PRO A 203 -11.53 -15.48 -15.60
CA PRO A 203 -12.66 -14.56 -15.78
C PRO A 203 -12.90 -13.82 -14.46
N ALA A 204 -13.26 -12.55 -14.54
CA ALA A 204 -13.44 -11.70 -13.40
C ALA A 204 -14.38 -10.59 -13.69
N GLY A 205 -15.11 -10.21 -12.65
CA GLY A 205 -16.03 -9.10 -12.70
C GLY A 205 -17.40 -9.56 -13.11
N GLY A 206 -18.37 -9.39 -12.22
CA GLY A 206 -19.74 -9.75 -12.47
C GLY A 206 -20.09 -11.23 -12.47
N VAL A 207 -19.16 -12.08 -12.05
CA VAL A 207 -19.45 -13.52 -11.97
C VAL A 207 -20.05 -13.75 -10.59
N ARG A 208 -21.38 -13.85 -10.53
CA ARG A 208 -22.12 -13.75 -9.29
C ARG A 208 -22.85 -15.02 -8.86
N THR A 209 -23.23 -15.87 -9.82
CA THR A 209 -24.02 -17.05 -9.49
C THR A 209 -23.29 -18.33 -9.89
N ALA A 210 -23.74 -19.41 -9.29
CA ALA A 210 -23.22 -20.72 -9.60
C ALA A 210 -23.44 -21.01 -11.09
N GLU A 211 -24.57 -20.59 -11.66
CA GLU A 211 -24.81 -20.82 -13.09
C GLU A 211 -23.85 -20.02 -13.94
N ASP A 212 -23.41 -18.85 -13.58
CA ASP A 212 -22.49 -17.96 -14.23
C ASP A 212 -21.18 -18.73 -14.27
N ALA A 213 -20.77 -19.22 -13.10
CA ALA A 213 -19.48 -19.93 -13.07
C ALA A 213 -19.46 -21.15 -13.97
N GLN A 214 -20.62 -21.84 -13.98
CA GLN A 214 -20.72 -23.03 -14.81
C GLN A 214 -20.49 -22.75 -16.28
N LYS A 215 -20.92 -21.60 -16.75
CA LYS A 215 -20.76 -21.25 -18.16
C LYS A 215 -19.31 -21.09 -18.54
N TYR A 216 -18.50 -20.54 -17.63
CA TYR A 216 -17.09 -20.35 -17.89
C TYR A 216 -16.31 -21.66 -17.88
N LEU A 217 -16.59 -22.53 -16.91
CA LEU A 217 -15.91 -23.84 -16.91
C LEU A 217 -16.34 -24.68 -18.11
N ALA A 218 -17.56 -24.51 -18.60
CA ALA A 218 -18.00 -25.26 -19.79
C ALA A 218 -17.08 -24.91 -20.98
N ILE A 219 -16.73 -23.69 -21.17
CA ILE A 219 -15.87 -23.27 -22.29
C ILE A 219 -14.47 -23.80 -22.10
N ALA A 220 -13.93 -23.70 -20.87
CA ALA A 220 -12.59 -24.25 -20.63
C ALA A 220 -12.56 -25.72 -20.95
N ASP A 221 -13.55 -26.45 -20.44
CA ASP A 221 -13.57 -27.92 -20.64
C ASP A 221 -13.68 -28.26 -22.14
N GLU A 222 -14.47 -27.49 -22.86
CA GLU A 222 -14.60 -27.71 -24.32
C GLU A 222 -13.29 -27.54 -24.99
N LEU A 223 -12.60 -26.45 -24.67
CA LEU A 223 -11.39 -26.11 -25.43
C LEU A 223 -10.20 -26.98 -25.03
N PHE A 224 -10.00 -27.25 -23.77
CA PHE A 224 -8.77 -27.86 -23.27
C PHE A 224 -8.98 -29.19 -22.57
N GLY A 225 -10.19 -29.70 -22.50
CA GLY A 225 -10.53 -30.89 -21.81
C GLY A 225 -10.72 -30.60 -20.32
N ALA A 226 -11.43 -31.49 -19.65
CA ALA A 226 -11.88 -31.22 -18.32
C ALA A 226 -10.80 -31.29 -17.27
N ASP A 227 -9.59 -31.73 -17.55
CA ASP A 227 -8.51 -31.77 -16.57
C ASP A 227 -7.62 -30.51 -16.56
N TRP A 228 -7.77 -29.63 -17.55
CA TRP A 228 -6.86 -28.52 -17.67
C TRP A 228 -7.04 -27.48 -16.57
N ALA A 229 -8.26 -27.20 -16.19
CA ALA A 229 -8.58 -26.10 -15.28
C ALA A 229 -8.27 -26.44 -13.83
N ASP A 230 -7.05 -26.57 -13.43
CA ASP A 230 -6.56 -26.64 -12.07
C ASP A 230 -6.15 -25.24 -11.60
N ALA A 231 -5.74 -25.11 -10.35
CA ALA A 231 -5.48 -23.78 -9.81
C ALA A 231 -4.34 -23.05 -10.48
N ARG A 232 -3.39 -23.74 -11.12
CA ARG A 232 -2.36 -23.06 -11.89
C ARG A 232 -2.89 -22.52 -13.21
N HIS A 233 -4.02 -23.05 -13.69
CA HIS A 233 -4.49 -22.67 -15.01
C HIS A 233 -5.83 -21.98 -15.02
N TYR A 234 -6.54 -21.87 -13.91
CA TYR A 234 -7.89 -21.28 -13.95
C TYR A 234 -8.15 -20.71 -12.57
N ARG A 235 -8.71 -19.49 -12.56
CA ARG A 235 -9.23 -18.90 -11.34
C ARG A 235 -10.50 -18.15 -11.66
N PHE A 236 -11.41 -18.04 -10.69
CA PHE A 236 -12.52 -17.09 -10.72
C PHE A 236 -12.20 -15.86 -9.91
N GLY A 237 -12.17 -14.68 -10.51
CA GLY A 237 -12.09 -13.47 -9.73
C GLY A 237 -13.45 -13.03 -9.30
N ALA A 238 -13.77 -13.11 -8.00
CA ALA A 238 -15.13 -12.84 -7.56
C ALA A 238 -15.17 -12.42 -6.12
N SER A 239 -15.90 -11.31 -5.90
CA SER A 239 -16.20 -10.76 -4.56
C SER A 239 -17.48 -11.30 -4.05
N SER A 240 -18.43 -11.73 -4.89
CA SER A 240 -19.77 -12.02 -4.52
C SER A 240 -20.39 -13.24 -5.19
N LEU A 241 -19.65 -14.30 -5.35
CA LEU A 241 -19.96 -15.62 -5.94
C LEU A 241 -20.03 -16.78 -4.94
N LEU A 242 -19.21 -16.70 -3.89
CA LEU A 242 -19.02 -17.86 -3.03
C LEU A 242 -20.29 -18.31 -2.36
N ALA A 243 -21.12 -17.38 -1.89
CA ALA A 243 -22.37 -17.77 -1.21
C ALA A 243 -23.25 -18.54 -2.18
N SER A 244 -23.29 -18.17 -3.45
CA SER A 244 -24.09 -18.84 -4.44
C SER A 244 -23.59 -20.27 -4.66
N LEU A 245 -22.26 -20.46 -4.75
CA LEU A 245 -21.69 -21.78 -4.91
C LEU A 245 -22.03 -22.66 -3.68
N LEU A 246 -21.86 -22.13 -2.50
CA LEU A 246 -22.16 -22.91 -1.29
C LEU A 246 -23.64 -23.28 -1.25
N LYS A 247 -24.52 -22.37 -1.67
CA LYS A 247 -25.95 -22.73 -1.74
C LYS A 247 -26.19 -23.85 -2.71
N ALA A 248 -25.53 -23.81 -3.86
CA ALA A 248 -25.72 -24.87 -4.86
C ALA A 248 -25.29 -26.22 -4.31
N LEU A 249 -24.29 -26.19 -3.43
CA LEU A 249 -23.72 -27.39 -2.83
C LEU A 249 -24.46 -27.86 -1.60
N GLY A 250 -25.48 -27.12 -1.16
CA GLY A 250 -26.26 -27.45 0.04
C GLY A 250 -25.61 -27.03 1.35
N HIS A 251 -24.69 -26.06 1.31
CA HIS A 251 -23.87 -25.72 2.45
C HIS A 251 -23.87 -24.20 2.59
N GLY A 252 -25.02 -23.70 2.23
CA GLY A 252 -25.17 -22.26 2.12
C GLY A 252 -26.66 -21.92 2.32
N HIS B 1 14.44 43.25 7.55
CA HIS B 1 14.09 42.79 8.90
C HIS B 1 12.82 41.97 8.94
N MET B 2 12.94 40.79 9.55
CA MET B 2 11.80 39.90 9.81
C MET B 2 11.42 39.94 11.29
N THR B 3 10.12 40.10 11.56
CA THR B 3 9.68 39.92 12.92
C THR B 3 10.06 38.51 13.37
N ASP B 4 10.10 38.30 14.69
CA ASP B 4 10.33 36.97 15.19
C ASP B 4 9.36 35.94 14.65
N LEU B 5 8.07 36.33 14.59
CA LEU B 5 7.07 35.37 14.10
C LEU B 5 7.25 35.09 12.60
N LYS B 6 7.56 36.02 11.74
CA LYS B 6 7.84 35.81 10.34
C LYS B 6 9.08 34.92 10.21
N ALA B 7 10.14 35.20 10.96
CA ALA B 7 11.33 34.37 10.85
C ALA B 7 11.00 32.93 11.25
N SER B 8 10.26 32.73 12.32
CA SER B 8 9.93 31.35 12.74
C SER B 8 9.04 30.70 11.72
N SER B 9 8.14 31.46 11.12
CA SER B 9 7.17 30.87 10.18
C SER B 9 7.85 30.40 8.92
N LEU B 10 8.77 31.18 8.40
CA LEU B 10 9.53 30.74 7.22
C LEU B 10 10.35 29.49 7.53
N ARG B 11 10.97 29.49 8.70
CA ARG B 11 11.75 28.33 9.12
C ARG B 11 10.85 27.10 9.20
N ALA B 12 9.72 27.25 9.86
CA ALA B 12 8.79 26.15 10.04
C ALA B 12 8.29 25.59 8.72
N LEU B 13 7.98 26.48 7.78
CA LEU B 13 7.52 26.06 6.47
C LEU B 13 8.54 25.13 5.84
N LYS B 14 9.82 25.54 5.85
CA LYS B 14 10.88 24.80 5.23
C LYS B 14 11.24 23.52 5.97
N LEU B 15 10.69 23.34 7.17
CA LEU B 15 10.88 22.12 7.96
C LEU B 15 9.62 21.24 7.92
N MET B 16 8.59 21.61 7.13
CA MET B 16 7.36 20.86 7.22
C MET B 16 7.41 19.56 6.47
N ASP B 17 6.82 18.53 7.07
CA ASP B 17 6.39 17.29 6.38
C ASP B 17 4.89 17.50 6.13
N LEU B 18 4.58 18.07 4.97
CA LEU B 18 3.20 18.42 4.64
C LEU B 18 2.41 17.15 4.40
N THR B 19 1.33 16.95 5.17
CA THR B 19 0.74 15.61 5.33
C THR B 19 -0.69 15.52 4.83
N THR B 20 -1.02 14.38 4.26
CA THR B 20 -2.42 13.96 4.15
C THR B 20 -2.42 12.45 4.43
N LEU B 21 -3.20 12.07 5.46
CA LEU B 21 -3.33 10.69 5.88
C LEU B 21 -4.81 10.44 6.23
N ASN B 22 -5.64 10.34 5.23
CA ASN B 22 -7.08 10.14 5.44
C ASN B 22 -7.59 8.99 4.64
N ASP B 23 -8.77 8.59 5.18
CA ASP B 23 -9.47 7.49 4.62
C ASP B 23 -9.92 7.82 3.21
N ASP B 24 -10.19 9.12 2.98
CA ASP B 24 -10.71 9.30 1.60
C ASP B 24 -9.64 9.83 0.68
N ASP B 25 -8.37 9.64 1.01
CA ASP B 25 -7.33 10.13 0.13
C ASP B 25 -7.39 9.44 -1.23
N THR B 26 -7.00 10.19 -2.26
CA THR B 26 -6.97 9.79 -3.65
C THR B 26 -5.74 10.36 -4.32
N ASP B 27 -5.45 9.85 -5.49
CA ASP B 27 -4.37 10.40 -6.29
C ASP B 27 -4.56 11.90 -6.47
N GLU B 28 -5.79 12.32 -6.76
CA GLU B 28 -6.00 13.76 -6.98
C GLU B 28 -5.64 14.59 -5.76
N LYS B 29 -5.95 14.20 -4.57
CA LYS B 29 -5.71 14.81 -3.30
C LYS B 29 -4.21 14.86 -3.04
N VAL B 30 -3.49 13.78 -3.38
CA VAL B 30 -2.07 13.75 -3.20
C VAL B 30 -1.36 14.66 -4.20
N ILE B 31 -1.82 14.69 -5.46
CA ILE B 31 -1.27 15.59 -6.46
C ILE B 31 -1.43 17.04 -5.98
N ALA B 32 -2.62 17.37 -5.47
CA ALA B 32 -2.88 18.70 -4.95
C ALA B 32 -1.93 19.04 -3.81
N LEU B 33 -1.68 18.08 -2.91
CA LEU B 33 -0.73 18.28 -1.80
C LEU B 33 0.67 18.58 -2.29
N CYS B 34 1.11 17.82 -3.32
CA CYS B 34 2.41 18.06 -3.89
C CYS B 34 2.49 19.50 -4.43
N HIS B 35 1.48 19.99 -5.10
CA HIS B 35 1.52 21.37 -5.59
C HIS B 35 1.55 22.35 -4.41
N GLN B 36 0.85 22.05 -3.35
CA GLN B 36 0.85 22.92 -2.19
C GLN B 36 2.21 23.03 -1.52
N ALA B 37 3.02 21.97 -1.64
CA ALA B 37 4.33 21.94 -1.00
C ALA B 37 5.33 22.88 -1.64
N LYS B 38 5.06 23.29 -2.89
CA LYS B 38 5.80 24.27 -3.64
C LYS B 38 5.19 25.64 -3.48
N THR B 39 5.64 26.40 -2.50
CA THR B 39 4.99 27.64 -2.10
C THR B 39 5.74 28.86 -2.68
N PRO B 40 5.13 30.04 -2.65
CA PRO B 40 5.82 31.22 -3.17
C PRO B 40 7.03 31.66 -2.41
N VAL B 41 7.30 31.21 -1.22
CA VAL B 41 8.41 31.52 -0.36
C VAL B 41 9.38 30.33 -0.20
N GLY B 42 9.15 29.22 -0.85
CA GLY B 42 10.00 28.07 -0.71
C GLY B 42 9.22 26.78 -0.65
N ASN B 43 9.97 25.70 -0.60
CA ASN B 43 9.36 24.37 -0.54
C ASN B 43 9.36 23.83 0.89
N THR B 44 8.34 22.99 1.18
CA THR B 44 8.43 22.23 2.42
C THR B 44 9.56 21.23 2.33
N ALA B 45 9.98 20.68 3.49
CA ALA B 45 11.01 19.69 3.54
C ALA B 45 10.57 18.40 2.86
N ALA B 46 9.31 18.04 3.03
CA ALA B 46 8.79 16.75 2.63
C ALA B 46 7.28 16.85 2.50
N ILE B 47 6.76 15.75 1.95
CA ILE B 47 5.35 15.44 2.11
C ILE B 47 5.29 14.12 2.90
N CYS B 48 4.13 13.84 3.50
CA CYS B 48 3.91 12.57 4.16
C CYS B 48 2.52 12.08 3.77
N ILE B 49 2.49 10.87 3.19
CA ILE B 49 1.35 10.27 2.54
C ILE B 49 1.34 8.78 2.81
N TYR B 50 0.22 8.10 2.59
CA TYR B 50 0.21 6.64 2.71
C TYR B 50 1.05 6.02 1.60
N PRO B 51 1.65 4.83 1.85
CA PRO B 51 2.64 4.28 0.93
C PRO B 51 2.15 4.15 -0.51
N ARG B 52 0.90 3.76 -0.70
CA ARG B 52 0.41 3.50 -2.05
C ARG B 52 0.46 4.74 -2.91
N PHE B 53 0.52 5.93 -2.33
CA PHE B 53 0.57 7.17 -3.11
C PHE B 53 1.99 7.64 -3.42
N ILE B 54 3.00 6.92 -2.95
CA ILE B 54 4.37 7.38 -3.19
C ILE B 54 4.68 7.49 -4.67
N PRO B 55 4.40 6.49 -5.54
CA PRO B 55 4.82 6.65 -6.94
C PRO B 55 4.22 7.86 -7.63
N ILE B 56 2.92 8.12 -7.46
CA ILE B 56 2.33 9.27 -8.12
C ILE B 56 2.84 10.56 -7.51
N ALA B 57 3.10 10.59 -6.21
CA ALA B 57 3.68 11.80 -5.62
C ALA B 57 5.06 12.03 -6.18
N ARG B 58 5.89 11.03 -6.33
CA ARG B 58 7.24 11.22 -6.86
C ARG B 58 7.17 11.81 -8.25
N LYS B 59 6.27 11.28 -9.09
CA LYS B 59 6.10 11.82 -10.46
C LYS B 59 5.71 13.27 -10.44
N THR B 60 4.77 13.60 -9.56
CA THR B 60 4.23 14.95 -9.49
C THR B 60 5.27 15.94 -9.04
N LEU B 61 6.05 15.58 -7.99
CA LEU B 61 7.13 16.42 -7.52
C LEU B 61 8.18 16.63 -8.58
N LYS B 62 8.44 15.59 -9.35
CA LYS B 62 9.44 15.71 -10.40
C LYS B 62 8.95 16.65 -11.50
N GLU B 63 7.70 16.51 -11.93
CA GLU B 63 7.20 17.30 -13.05
C GLU B 63 7.06 18.77 -12.68
N GLN B 64 6.87 19.09 -11.41
CA GLN B 64 6.86 20.50 -11.01
C GLN B 64 8.22 21.04 -10.65
N GLY B 65 9.27 20.30 -10.88
CA GLY B 65 10.56 20.86 -10.66
C GLY B 65 10.98 20.91 -9.21
N THR B 66 10.43 20.07 -8.34
CA THR B 66 10.87 20.00 -6.94
C THR B 66 11.21 18.62 -6.51
N PRO B 67 12.17 17.97 -7.17
CA PRO B 67 12.49 16.60 -6.79
C PRO B 67 13.15 16.49 -5.44
N GLU B 68 13.63 17.60 -4.90
CA GLU B 68 14.25 17.63 -3.59
C GLU B 68 13.28 17.59 -2.44
N ILE B 69 12.02 17.77 -2.69
CA ILE B 69 11.02 17.56 -1.60
C ILE B 69 11.00 16.05 -1.34
N ARG B 70 11.23 15.70 -0.10
CA ARG B 70 11.33 14.30 0.28
C ARG B 70 9.96 13.69 0.42
N ILE B 71 9.87 12.38 0.28
CA ILE B 71 8.63 11.66 0.47
C ILE B 71 8.75 10.78 1.70
N ALA B 72 7.96 11.13 2.70
CA ALA B 72 7.83 10.34 3.92
C ALA B 72 6.50 9.59 3.84
N THR B 73 6.45 8.50 4.61
CA THR B 73 5.23 7.72 4.74
C THR B 73 5.14 7.17 6.13
N VAL B 74 4.11 6.37 6.39
CA VAL B 74 3.86 5.83 7.72
C VAL B 74 3.69 4.31 7.65
N THR B 75 4.13 3.65 8.70
CA THR B 75 3.95 2.20 8.83
C THR B 75 3.59 1.89 10.29
N ASN B 76 3.06 0.68 10.47
CA ASN B 76 2.53 0.24 11.77
C ASN B 76 1.48 1.25 12.29
N PHE B 77 0.73 1.84 11.36
CA PHE B 77 0.03 3.09 11.61
C PHE B 77 -1.48 2.97 11.45
N PRO B 78 -2.28 3.65 12.31
CA PRO B 78 -1.84 4.43 13.46
C PRO B 78 -1.72 3.65 14.72
N HIS B 79 -2.06 2.37 14.72
CA HIS B 79 -2.33 1.69 15.99
C HIS B 79 -1.09 1.32 16.78
N GLY B 80 0.10 1.25 16.20
CA GLY B 80 1.22 0.84 17.01
C GLY B 80 1.09 -0.54 17.60
N ASN B 81 0.63 -1.48 16.80
CA ASN B 81 0.60 -2.87 17.27
C ASN B 81 2.01 -3.42 17.47
N ASP B 82 2.05 -4.56 18.19
CA ASP B 82 3.33 -5.15 18.57
C ASP B 82 3.74 -6.36 17.72
N ASP B 83 3.20 -6.45 16.50
CA ASP B 83 3.57 -7.51 15.57
C ASP B 83 4.72 -7.01 14.70
N ILE B 84 5.92 -7.46 15.01
CA ILE B 84 7.10 -6.99 14.31
C ILE B 84 7.09 -7.40 12.83
N ASP B 85 6.62 -8.61 12.56
CA ASP B 85 6.60 -9.06 11.19
C ASP B 85 5.75 -8.17 10.32
N ILE B 86 4.61 -7.75 10.83
CA ILE B 86 3.72 -6.86 10.08
C ILE B 86 4.37 -5.49 9.92
N ALA B 87 4.91 -4.92 10.99
CA ALA B 87 5.53 -3.60 10.87
C ALA B 87 6.68 -3.62 9.88
N LEU B 88 7.47 -4.71 9.92
CA LEU B 88 8.61 -4.82 9.03
C LEU B 88 8.19 -5.00 7.58
N ALA B 89 7.19 -5.83 7.33
CA ALA B 89 6.68 -6.01 5.97
C ALA B 89 6.17 -4.69 5.40
N GLU B 90 5.43 -3.93 6.21
CA GLU B 90 4.95 -2.62 5.73
C GLU B 90 6.10 -1.67 5.44
N THR B 91 7.16 -1.71 6.28
CA THR B 91 8.32 -0.88 6.07
C THR B 91 9.05 -1.27 4.80
N ARG B 92 9.22 -2.57 4.59
CA ARG B 92 9.85 -3.02 3.35
C ARG B 92 9.04 -2.61 2.14
N ALA B 93 7.73 -2.67 2.23
CA ALA B 93 6.90 -2.21 1.12
C ALA B 93 7.03 -0.73 0.90
N ALA B 94 7.07 0.07 1.95
CA ALA B 94 7.27 1.51 1.82
C ALA B 94 8.57 1.82 1.08
N ILE B 95 9.63 1.09 1.47
CA ILE B 95 10.94 1.23 0.81
C ILE B 95 10.78 0.90 -0.67
N ALA B 96 10.12 -0.20 -0.98
CA ALA B 96 9.96 -0.65 -2.37
C ALA B 96 9.15 0.31 -3.18
N TYR B 97 8.11 0.94 -2.61
CA TYR B 97 7.36 1.95 -3.34
C TYR B 97 8.23 3.14 -3.72
N GLY B 98 9.26 3.40 -2.92
CA GLY B 98 10.20 4.49 -3.13
C GLY B 98 10.25 5.54 -2.03
N ALA B 99 9.84 5.21 -0.82
CA ALA B 99 9.90 6.21 0.27
C ALA B 99 11.35 6.72 0.47
N ASP B 100 11.46 8.01 0.80
CA ASP B 100 12.70 8.52 1.35
C ASP B 100 12.83 8.34 2.85
N GLU B 101 11.68 8.32 3.54
CA GLU B 101 11.61 8.28 5.00
C GLU B 101 10.38 7.48 5.37
N VAL B 102 10.49 6.78 6.50
CA VAL B 102 9.37 6.01 7.06
C VAL B 102 9.19 6.48 8.50
N ASP B 103 7.96 6.81 8.84
CA ASP B 103 7.55 7.16 10.20
C ASP B 103 6.77 5.96 10.74
N VAL B 104 7.39 5.17 11.61
CA VAL B 104 6.78 3.98 12.15
C VAL B 104 6.20 4.24 13.52
N VAL B 105 5.05 3.65 13.85
CA VAL B 105 4.50 3.79 15.18
C VAL B 105 5.11 2.74 16.13
N PHE B 106 5.69 3.25 17.22
CA PHE B 106 6.21 2.46 18.32
C PHE B 106 5.08 1.65 18.99
N PRO B 107 5.38 0.44 19.48
CA PRO B 107 4.34 -0.35 20.17
C PRO B 107 4.15 0.15 21.60
N TYR B 108 3.48 1.28 21.69
CA TYR B 108 3.32 1.99 22.94
C TYR B 108 2.41 1.26 23.92
N ARG B 109 1.39 0.58 23.47
CA ARG B 109 0.56 -0.17 24.44
C ARG B 109 1.38 -1.27 25.05
N ALA B 110 2.25 -1.90 24.29
CA ALA B 110 3.11 -2.95 24.85
C ALA B 110 3.99 -2.38 25.95
N LEU B 111 4.55 -1.21 25.72
CA LEU B 111 5.36 -0.55 26.75
C LEU B 111 4.52 -0.25 27.98
N MET B 112 3.31 0.23 27.80
CA MET B 112 2.40 0.55 28.92
C MET B 112 2.10 -0.71 29.73
N ALA B 113 2.17 -1.87 29.07
CA ALA B 113 1.95 -3.17 29.70
C ALA B 113 3.25 -3.77 30.19
N GLY B 114 4.36 -3.04 30.24
CA GLY B 114 5.59 -3.46 30.85
C GLY B 114 6.57 -4.09 29.90
N ASN B 115 6.27 -4.14 28.60
CA ASN B 115 7.17 -4.79 27.66
C ASN B 115 8.02 -3.76 26.95
N GLU B 116 9.25 -3.56 27.38
CA GLU B 116 10.21 -2.66 26.75
C GLU B 116 10.92 -3.28 25.55
N GLN B 117 11.01 -4.60 25.58
CA GLN B 117 11.81 -5.28 24.57
C GLN B 117 11.18 -5.25 23.21
N VAL B 118 9.86 -5.42 23.09
CA VAL B 118 9.27 -5.48 21.77
C VAL B 118 9.42 -4.14 21.05
N GLY B 119 9.37 -3.01 21.76
CA GLY B 119 9.60 -1.73 21.09
C GLY B 119 11.02 -1.61 20.57
N PHE B 120 12.01 -2.06 21.36
CA PHE B 120 13.36 -2.07 20.91
C PHE B 120 13.48 -2.90 19.64
N ASP B 121 12.95 -4.12 19.66
CA ASP B 121 13.10 -5.04 18.56
C ASP B 121 12.40 -4.57 17.30
N LEU B 122 11.22 -3.99 17.48
CA LEU B 122 10.44 -3.49 16.36
C LEU B 122 11.19 -2.35 15.64
N VAL B 123 11.61 -1.36 16.44
CA VAL B 123 12.34 -0.25 15.85
C VAL B 123 13.61 -0.73 15.22
N LYS B 124 14.35 -1.61 15.88
CA LYS B 124 15.61 -2.04 15.32
C LYS B 124 15.41 -2.76 14.01
N ALA B 125 14.40 -3.61 13.90
CA ALA B 125 14.16 -4.33 12.64
C ALA B 125 13.86 -3.37 11.52
N CYS B 126 13.00 -2.37 11.81
CA CYS B 126 12.66 -1.37 10.80
C CYS B 126 13.85 -0.50 10.43
N LYS B 127 14.66 -0.14 11.43
CA LYS B 127 15.85 0.66 11.14
C LYS B 127 16.83 -0.08 10.25
N GLU B 128 16.99 -1.38 10.49
CA GLU B 128 17.96 -2.09 9.67
C GLU B 128 17.52 -2.10 8.21
N ALA B 129 16.21 -2.31 7.96
CA ALA B 129 15.72 -2.28 6.57
C ALA B 129 15.89 -0.90 5.99
N CYS B 130 15.53 0.14 6.72
CA CYS B 130 15.64 1.49 6.19
C CYS B 130 17.11 1.89 5.94
N ALA B 131 17.99 1.61 6.91
CA ALA B 131 19.40 2.01 6.73
C ALA B 131 20.00 1.37 5.49
N ALA B 132 19.66 0.11 5.21
CA ALA B 132 20.19 -0.58 4.07
C ALA B 132 19.73 0.05 2.77
N ALA B 133 18.62 0.72 2.78
CA ALA B 133 18.02 1.41 1.63
C ALA B 133 18.28 2.92 1.60
N ASN B 134 19.11 3.41 2.52
CA ASN B 134 19.34 4.85 2.67
C ASN B 134 18.08 5.64 2.86
N VAL B 135 17.20 5.11 3.69
CA VAL B 135 15.90 5.68 4.08
C VAL B 135 15.98 6.03 5.57
N LEU B 136 15.53 7.22 5.94
CA LEU B 136 15.50 7.65 7.37
C LEU B 136 14.27 7.06 8.05
N LEU B 137 14.44 6.71 9.32
CA LEU B 137 13.40 6.15 10.16
C LEU B 137 13.03 7.12 11.25
N LYS B 138 11.77 7.56 11.28
CA LYS B 138 11.22 8.33 12.38
C LYS B 138 10.36 7.37 13.22
N VAL B 139 10.33 7.56 14.55
CA VAL B 139 9.54 6.69 15.42
C VAL B 139 8.55 7.53 16.17
N ILE B 140 7.26 7.20 15.97
CA ILE B 140 6.15 7.88 16.60
C ILE B 140 5.82 7.19 17.93
N ILE B 141 5.98 7.88 19.06
CA ILE B 141 5.78 7.21 20.35
C ILE B 141 4.37 7.37 20.93
N GLU B 142 3.55 8.27 20.40
CA GLU B 142 2.18 8.51 20.79
C GLU B 142 2.10 9.01 22.24
N THR B 143 2.72 10.20 22.45
CA THR B 143 2.74 10.82 23.76
C THR B 143 1.37 11.02 24.40
N GLY B 144 0.33 11.27 23.60
CA GLY B 144 -0.99 11.49 24.18
C GLY B 144 -1.61 10.24 24.75
N GLU B 145 -1.17 9.08 24.32
CA GLU B 145 -1.63 7.82 24.90
C GLU B 145 -0.69 7.37 26.02
N LEU B 146 0.59 7.58 25.89
CA LEU B 146 1.51 7.23 26.95
C LEU B 146 1.17 8.01 28.22
N LYS B 147 1.03 9.31 28.05
CA LYS B 147 0.60 10.34 28.99
C LYS B 147 1.62 10.66 30.08
N ASP B 148 2.07 9.68 30.80
CA ASP B 148 3.01 9.89 31.89
C ASP B 148 4.38 10.27 31.37
N GLU B 149 5.01 11.25 31.98
CA GLU B 149 6.33 11.73 31.64
C GLU B 149 7.34 10.60 31.62
N ALA B 150 7.32 9.72 32.63
CA ALA B 150 8.33 8.65 32.63
C ALA B 150 8.18 7.74 31.42
N LEU B 151 6.94 7.45 31.05
CA LEU B 151 6.76 6.59 29.87
C LEU B 151 7.15 7.30 28.59
N ILE B 152 6.90 8.60 28.48
CA ILE B 152 7.36 9.34 27.31
C ILE B 152 8.86 9.28 27.23
N ARG B 153 9.54 9.47 28.36
CA ARG B 153 10.98 9.38 28.33
C ARG B 153 11.47 8.00 27.95
N LYS B 154 10.82 6.99 28.51
CA LYS B 154 11.25 5.63 28.26
C LYS B 154 11.09 5.22 26.79
N ALA B 155 9.92 5.56 26.22
CA ALA B 155 9.71 5.21 24.81
C ALA B 155 10.71 5.95 23.94
N SER B 156 11.01 7.21 24.28
CA SER B 156 12.00 7.97 23.54
C SER B 156 13.37 7.30 23.63
N GLU B 157 13.78 6.90 24.83
CA GLU B 157 15.06 6.27 25.08
C GLU B 157 15.19 4.96 24.30
N ILE B 158 14.17 4.11 24.41
CA ILE B 158 14.21 2.80 23.72
C ILE B 158 14.36 3.05 22.22
N SER B 159 13.58 3.98 21.67
CA SER B 159 13.59 4.24 20.26
C SER B 159 14.94 4.73 19.82
N ILE B 160 15.55 5.62 20.60
CA ILE B 160 16.90 6.10 20.27
C ILE B 160 17.89 4.94 20.31
N LYS B 161 17.84 4.12 21.37
CA LYS B 161 18.79 3.01 21.49
C LYS B 161 18.65 2.03 20.33
N ALA B 162 17.43 1.86 19.82
CA ALA B 162 17.14 0.94 18.75
C ALA B 162 17.48 1.51 17.37
N GLY B 163 17.86 2.76 17.27
CA GLY B 163 18.30 3.36 16.05
C GLY B 163 17.42 4.39 15.40
N ALA B 164 16.42 4.95 16.09
CA ALA B 164 15.61 5.96 15.49
C ALA B 164 16.45 7.14 15.00
N ASP B 165 16.13 7.62 13.78
CA ASP B 165 16.78 8.83 13.26
C ASP B 165 16.05 10.10 13.66
N PHE B 166 14.77 9.97 14.03
CA PHE B 166 13.91 10.98 14.56
C PHE B 166 13.01 10.32 15.58
N ILE B 167 12.58 11.10 16.59
CA ILE B 167 11.46 10.70 17.43
C ILE B 167 10.37 11.76 17.22
N LYS B 168 9.14 11.25 17.08
CA LYS B 168 7.95 12.01 16.69
C LYS B 168 6.89 11.85 17.76
N THR B 169 6.14 12.92 18.10
CA THR B 169 5.25 12.86 19.23
C THR B 169 4.10 11.90 19.02
N SER B 170 3.46 11.97 17.83
CA SER B 170 2.09 11.52 17.75
C SER B 170 1.70 11.14 16.34
N THR B 171 0.63 10.35 16.23
CA THR B 171 0.07 10.03 14.93
C THR B 171 -0.86 11.08 14.39
N GLY B 172 -1.41 11.97 15.23
CA GLY B 172 -2.45 12.87 14.85
C GLY B 172 -3.82 12.26 14.83
N LYS B 173 -4.04 11.07 15.20
CA LYS B 173 -5.18 10.17 15.07
C LYS B 173 -5.76 9.78 16.42
N VAL B 174 -5.24 10.30 17.51
CA VAL B 174 -5.77 10.09 18.85
C VAL B 174 -6.17 11.43 19.41
N ALA B 175 -6.74 11.45 20.62
CA ALA B 175 -7.35 12.67 21.13
C ALA B 175 -6.33 13.75 21.46
N VAL B 176 -5.18 13.36 22.01
CA VAL B 176 -4.14 14.30 22.42
C VAL B 176 -2.90 13.99 21.59
N ASN B 177 -2.31 15.02 20.95
CA ASN B 177 -1.14 14.83 20.10
C ASN B 177 -0.04 15.77 20.61
N ALA B 178 0.61 16.52 19.76
CA ALA B 178 1.74 17.31 20.24
C ALA B 178 1.26 18.30 21.30
N THR B 179 2.08 18.50 22.32
CA THR B 179 1.97 19.63 23.21
C THR B 179 3.36 20.19 23.46
N PRO B 180 3.51 21.47 23.80
CA PRO B 180 4.84 21.96 24.15
C PRO B 180 5.51 21.18 25.27
N GLU B 181 4.73 20.72 26.25
CA GLU B 181 5.31 19.93 27.34
C GLU B 181 5.83 18.58 26.87
N SER B 182 5.09 17.86 26.02
CA SER B 182 5.59 16.59 25.53
C SER B 182 6.80 16.79 24.62
N ALA B 183 6.79 17.85 23.83
CA ALA B 183 7.93 18.15 22.97
C ALA B 183 9.18 18.40 23.80
N ARG B 184 9.05 19.19 24.86
CA ARG B 184 10.17 19.48 25.74
C ARG B 184 10.72 18.20 26.35
N ILE B 185 9.83 17.33 26.84
CA ILE B 185 10.30 16.06 27.44
C ILE B 185 11.13 15.25 26.45
N MET B 186 10.62 15.10 25.21
CA MET B 186 11.30 14.31 24.21
C MET B 186 12.64 14.92 23.82
N MET B 187 12.66 16.24 23.63
CA MET B 187 13.93 16.87 23.29
C MET B 187 14.91 16.81 24.45
N GLU B 188 14.45 16.89 25.69
CA GLU B 188 15.33 16.69 26.81
C GLU B 188 15.95 15.28 26.79
N VAL B 189 15.21 14.27 26.37
CA VAL B 189 15.82 12.94 26.23
C VAL B 189 16.95 12.95 25.21
N ILE B 190 16.70 13.55 24.05
CA ILE B 190 17.74 13.66 23.04
C ILE B 190 18.96 14.33 23.61
N ARG B 191 18.77 15.43 24.33
CA ARG B 191 19.91 16.13 24.93
C ARG B 191 20.63 15.33 25.99
N ASP B 192 19.84 14.76 26.87
CA ASP B 192 20.42 14.03 28.01
C ASP B 192 21.19 12.79 27.56
N MET B 193 20.76 12.14 26.50
CA MET B 193 21.43 10.99 25.95
C MET B 193 22.61 11.41 25.07
N GLY B 194 22.72 12.71 24.81
CA GLY B 194 23.85 13.16 23.99
C GLY B 194 23.80 12.84 22.52
N VAL B 195 22.59 12.68 21.96
CA VAL B 195 22.40 12.20 20.64
C VAL B 195 21.80 13.24 19.70
N GLU B 196 21.96 14.54 20.03
CA GLU B 196 21.32 15.57 19.17
C GLU B 196 21.94 15.61 17.79
N LYS B 197 23.14 15.13 17.57
CA LYS B 197 23.67 15.13 16.20
C LYS B 197 23.06 14.05 15.33
N THR B 198 22.58 12.94 15.93
CA THR B 198 22.03 11.83 15.16
C THR B 198 20.54 11.60 15.28
N VAL B 199 19.86 12.32 16.12
CA VAL B 199 18.43 12.13 16.33
C VAL B 199 17.72 13.48 16.25
N GLY B 200 16.78 13.55 15.32
CA GLY B 200 15.93 14.70 15.19
C GLY B 200 14.62 14.57 15.97
N PHE B 201 13.85 15.68 15.99
CA PHE B 201 12.58 15.75 16.65
C PHE B 201 11.49 16.22 15.71
N LYS B 202 10.31 15.65 15.83
CA LYS B 202 9.15 16.01 15.01
C LYS B 202 7.90 16.12 15.87
N PRO B 203 7.45 17.31 16.19
CA PRO B 203 6.11 17.42 16.77
C PRO B 203 5.09 17.23 15.68
N ALA B 204 3.97 16.59 15.96
CA ALA B 204 2.95 16.25 15.00
C ALA B 204 1.61 16.13 15.68
N GLY B 205 0.58 16.53 14.95
CA GLY B 205 -0.77 16.41 15.36
C GLY B 205 -1.24 17.63 16.09
N GLY B 206 -2.21 18.33 15.52
CA GLY B 206 -2.77 19.49 16.11
C GLY B 206 -1.93 20.76 16.00
N VAL B 207 -0.81 20.79 15.29
CA VAL B 207 0.00 22.00 15.14
C VAL B 207 -0.63 22.78 13.98
N ARG B 208 -1.34 23.87 14.29
CA ARG B 208 -2.21 24.48 13.32
C ARG B 208 -1.89 25.94 13.06
N THR B 209 -1.28 26.67 13.98
CA THR B 209 -1.06 28.10 13.74
C THR B 209 0.40 28.44 13.71
N ALA B 210 0.72 29.57 13.10
CA ALA B 210 2.09 30.09 13.13
C ALA B 210 2.60 30.22 14.55
N GLU B 211 1.80 30.69 15.50
CA GLU B 211 2.23 30.81 16.89
C GLU B 211 2.50 29.46 17.50
N ASP B 212 1.74 28.41 17.14
CA ASP B 212 2.06 27.09 17.61
C ASP B 212 3.46 26.66 17.18
N ALA B 213 3.73 26.83 15.89
CA ALA B 213 5.04 26.46 15.35
C ALA B 213 6.16 27.20 16.03
N GLN B 214 5.91 28.48 16.29
CA GLN B 214 6.90 29.31 16.96
C GLN B 214 7.28 28.74 18.30
N LYS B 215 6.32 28.26 19.07
CA LYS B 215 6.61 27.69 20.39
C LYS B 215 7.46 26.45 20.32
N TYR B 216 7.20 25.59 19.36
CA TYR B 216 7.99 24.36 19.25
C TYR B 216 9.42 24.67 18.84
N LEU B 217 9.61 25.56 17.89
CA LEU B 217 10.97 25.96 17.52
C LEU B 217 11.70 26.67 18.67
N ALA B 218 10.96 27.44 19.46
CA ALA B 218 11.60 28.11 20.61
C ALA B 218 12.21 27.10 21.56
N ILE B 219 11.53 25.96 21.79
CA ILE B 219 12.06 24.93 22.68
C ILE B 219 13.35 24.37 22.10
N ALA B 220 13.34 24.06 20.80
CA ALA B 220 14.54 23.54 20.16
C ALA B 220 15.69 24.53 20.30
N ASP B 221 15.41 25.81 20.01
CA ASP B 221 16.50 26.82 20.04
C ASP B 221 17.06 26.93 21.46
N GLU B 222 16.19 26.83 22.49
CA GLU B 222 16.59 26.91 23.87
C GLU B 222 17.48 25.75 24.25
N LEU B 223 17.09 24.52 23.87
CA LEU B 223 17.81 23.33 24.30
C LEU B 223 19.10 23.10 23.55
N PHE B 224 19.12 23.41 22.26
CA PHE B 224 20.21 23.02 21.38
C PHE B 224 20.91 24.18 20.65
N GLY B 225 20.38 25.41 20.81
CA GLY B 225 20.90 26.53 20.07
C GLY B 225 20.11 26.73 18.80
N ALA B 226 20.07 27.95 18.33
CA ALA B 226 19.26 28.28 17.19
C ALA B 226 19.69 27.65 15.88
N ASP B 227 20.94 27.14 15.75
CA ASP B 227 21.30 26.54 14.46
C ASP B 227 20.93 25.08 14.41
N TRP B 228 20.46 24.48 15.49
CA TRP B 228 20.33 23.01 15.46
C TRP B 228 19.21 22.50 14.55
N ALA B 229 18.08 23.16 14.58
CA ALA B 229 16.87 22.67 13.90
C ALA B 229 16.85 22.87 12.41
N ASP B 230 17.62 22.09 11.70
CA ASP B 230 17.67 21.97 10.25
C ASP B 230 16.85 20.76 9.83
N ALA B 231 16.73 20.51 8.53
CA ALA B 231 15.82 19.47 8.08
C ALA B 231 16.22 18.10 8.53
N ARG B 232 17.50 17.84 8.79
CA ARG B 232 17.88 16.53 9.31
C ARG B 232 17.50 16.36 10.76
N HIS B 233 17.31 17.47 11.48
CA HIS B 233 17.07 17.39 12.94
C HIS B 233 15.70 17.87 13.37
N TYR B 234 14.83 18.40 12.51
CA TYR B 234 13.57 18.96 12.97
C TYR B 234 12.60 18.94 11.80
N ARG B 235 11.37 18.45 12.05
CA ARG B 235 10.30 18.53 11.09
C ARG B 235 9.00 18.85 11.83
N PHE B 236 8.08 19.51 11.14
CA PHE B 236 6.70 19.63 11.59
C PHE B 236 5.82 18.65 10.85
N GLY B 237 5.14 17.77 11.60
CA GLY B 237 4.11 16.93 10.97
C GLY B 237 2.78 17.67 10.99
N ALA B 238 2.32 18.09 9.83
CA ALA B 238 1.13 18.95 9.81
C ALA B 238 0.39 18.82 8.47
N SER B 239 -0.94 18.57 8.61
CA SER B 239 -1.86 18.59 7.49
C SER B 239 -2.49 19.95 7.29
N SER B 240 -2.54 20.79 8.34
CA SER B 240 -3.26 21.99 8.33
C SER B 240 -2.61 23.19 9.04
N LEU B 241 -1.34 23.45 8.87
CA LEU B 241 -0.47 24.51 9.35
C LEU B 241 0.04 25.46 8.25
N LEU B 242 0.24 24.91 7.06
CA LEU B 242 0.88 25.67 5.99
C LEU B 242 0.15 26.96 5.67
N ALA B 243 -1.19 26.96 5.59
CA ALA B 243 -1.89 28.17 5.25
C ALA B 243 -1.62 29.24 6.32
N SER B 244 -1.54 28.84 7.58
CA SER B 244 -1.32 29.80 8.65
C SER B 244 0.09 30.41 8.53
N LEU B 245 1.08 29.57 8.21
CA LEU B 245 2.43 30.09 8.02
C LEU B 245 2.47 31.07 6.87
N LEU B 246 1.83 30.70 5.74
CA LEU B 246 1.86 31.59 4.58
C LEU B 246 1.14 32.90 4.88
N LYS B 247 0.05 32.85 5.62
CA LYS B 247 -0.63 34.07 6.00
C LYS B 247 0.27 34.94 6.88
N ALA B 248 0.96 34.35 7.83
CA ALA B 248 1.88 35.11 8.71
C ALA B 248 2.95 35.78 7.87
N LEU B 249 3.33 35.20 6.73
CA LEU B 249 4.37 35.75 5.87
C LEU B 249 3.86 36.72 4.84
N GLY B 250 2.56 36.93 4.74
CA GLY B 250 1.94 37.86 3.83
C GLY B 250 1.58 37.25 2.50
N HIS B 251 1.41 35.94 2.47
CA HIS B 251 1.17 35.24 1.23
C HIS B 251 -0.03 34.30 1.38
#